data_2X7V
#
_entry.id   2X7V
#
_cell.length_a   123.370
_cell.length_b   123.370
_cell.length_c   35.300
_cell.angle_alpha   90.00
_cell.angle_beta   90.00
_cell.angle_gamma   120.00
#
_symmetry.space_group_name_H-M   'P 61'
#
loop_
_entity.id
_entity.type
_entity.pdbx_description
1 polymer 'PROBABLE ENDONUCLEASE 4'
2 non-polymer 'ZINC ION'
3 water water
#
_entity_poly.entity_id   1
_entity_poly.type   'polypeptide(L)'
_entity_poly.pdbx_seq_one_letter_code
;MIKIGAHMPISKGFDRVPQDTVNIGGNSFQIFPHNARSWSAKLPSDEAATKFKREMKKHGIDWENAFCHSGYLINLASPK
DDIWQKSVELLKKEVEICRKLGIRYLNIHPGSHLGTGEEEGIDRIVRGLNEVLNNTEGVVILLENVSQKGGNIGYKLEQL
KKIRDLVDQRDRVAITYDTCHGFDSGYDITKKEGVEALLNEIESLFGLERLKMIHLNDSKYPLGAAKDRHERIGSGFIGE
EGFAVFFSFKEIQEVPWILETPGGNEEHAEDIKKVFEIIEKFGIEVD
;
_entity_poly.pdbx_strand_id   A
#
loop_
_chem_comp.id
_chem_comp.type
_chem_comp.name
_chem_comp.formula
ZN non-polymer 'ZINC ION' 'Zn 2'
#
# COMPACT_ATOMS: atom_id res chain seq x y z
N MET A 1 9.56 8.20 15.90
CA MET A 1 10.56 7.97 14.87
C MET A 1 9.92 7.80 13.50
N ILE A 2 10.45 8.51 12.51
CA ILE A 2 9.92 8.39 11.16
C ILE A 2 10.23 7.03 10.56
N LYS A 3 9.18 6.36 10.09
CA LYS A 3 9.34 5.09 9.44
C LYS A 3 9.12 5.33 7.96
N ILE A 4 10.18 5.17 7.18
CA ILE A 4 10.11 5.52 5.77
C ILE A 4 10.91 4.51 4.95
N GLY A 5 10.45 4.28 3.73
CA GLY A 5 11.16 3.40 2.82
C GLY A 5 10.50 3.53 1.47
N ALA A 6 10.69 2.54 0.61
CA ALA A 6 10.14 2.63 -0.73
C ALA A 6 9.78 1.23 -1.21
N HIS A 7 9.01 1.16 -2.30
CA HIS A 7 8.84 -0.08 -3.01
C HIS A 7 10.19 -0.52 -3.60
N MET A 8 10.67 -1.71 -3.21
CA MET A 8 12.00 -2.22 -3.60
C MET A 8 11.95 -3.33 -4.67
N PRO A 9 12.93 -3.35 -5.59
CA PRO A 9 12.99 -4.44 -6.56
C PRO A 9 13.40 -5.76 -5.88
N ILE A 10 12.88 -6.86 -6.40
CA ILE A 10 13.16 -8.18 -5.86
C ILE A 10 13.91 -9.00 -6.90
N SER A 11 14.25 -8.36 -8.01
CA SER A 11 14.77 -9.06 -9.20
C SER A 11 16.13 -9.73 -9.00
N LYS A 12 16.86 -9.29 -7.98
CA LYS A 12 18.15 -9.90 -7.61
C LYS A 12 18.02 -10.79 -6.38
N GLY A 13 16.80 -11.02 -5.92
CA GLY A 13 16.52 -11.80 -4.73
C GLY A 13 15.86 -11.00 -3.62
N PHE A 14 14.96 -11.64 -2.89
CA PHE A 14 14.35 -11.04 -1.72
C PHE A 14 15.38 -10.58 -0.72
N ASP A 15 16.45 -11.37 -0.59
CA ASP A 15 17.43 -11.15 0.48
C ASP A 15 18.26 -9.88 0.32
N ARG A 16 18.27 -9.31 -0.88
CA ARG A 16 18.98 -8.06 -1.11
C ARG A 16 18.21 -6.85 -0.61
N VAL A 17 16.91 -7.05 -0.37
CA VAL A 17 16.02 -5.95 -0.05
C VAL A 17 16.33 -5.20 1.26
N PRO A 18 16.60 -5.92 2.37
CA PRO A 18 16.92 -5.19 3.60
C PRO A 18 18.15 -4.28 3.48
N GLN A 19 19.22 -4.82 2.89
CA GLN A 19 20.44 -4.05 2.63
C GLN A 19 20.19 -2.84 1.72
N ASP A 20 19.44 -3.05 0.64
CA ASP A 20 19.08 -1.96 -0.26
C ASP A 20 18.26 -0.89 0.45
N THR A 21 17.41 -1.35 1.36
CA THR A 21 16.55 -0.46 2.13
C THR A 21 17.40 0.44 3.03
N VAL A 22 18.37 -0.12 3.75
CA VAL A 22 19.19 0.79 4.55
C VAL A 22 20.16 1.65 3.70
N ASN A 23 20.56 1.16 2.53
CA ASN A 23 21.40 1.94 1.61
C ASN A 23 20.73 3.20 1.03
N ILE A 24 19.41 3.24 1.04
CA ILE A 24 18.74 4.45 0.57
C ILE A 24 18.30 5.34 1.76
N GLY A 25 18.63 4.92 2.97
CA GLY A 25 18.25 5.64 4.19
C GLY A 25 16.86 5.32 4.73
N GLY A 26 16.40 4.10 4.49
CA GLY A 26 15.06 3.71 4.92
C GLY A 26 15.14 2.65 6.01
N ASN A 27 13.98 2.35 6.60
CA ASN A 27 13.85 1.34 7.64
C ASN A 27 12.51 0.61 7.48
N SER A 28 11.94 0.77 6.28
CA SER A 28 10.66 0.22 5.90
C SER A 28 10.77 -0.16 4.42
N PHE A 29 9.89 -1.04 3.94
CA PHE A 29 9.86 -1.32 2.49
C PHE A 29 8.61 -2.07 2.06
N GLN A 30 8.40 -2.07 0.75
CA GLN A 30 7.33 -2.84 0.15
C GLN A 30 7.96 -3.61 -1.02
N ILE A 31 7.46 -4.80 -1.28
CA ILE A 31 7.97 -5.59 -2.40
C ILE A 31 6.81 -6.31 -3.05
N PHE A 32 7.01 -6.75 -4.29
CA PHE A 32 6.11 -7.71 -4.90
C PHE A 32 6.45 -9.11 -4.37
N PRO A 33 5.43 -9.97 -4.25
CA PRO A 33 5.69 -11.33 -3.77
C PRO A 33 6.32 -12.22 -4.85
N HIS A 34 6.34 -11.76 -6.10
CA HIS A 34 6.81 -12.58 -7.22
C HIS A 34 6.88 -11.72 -8.49
N ASN A 35 7.50 -12.27 -9.53
CA ASN A 35 7.51 -11.61 -10.84
C ASN A 35 6.87 -12.48 -11.92
N ALA A 36 5.79 -13.16 -11.55
CA ALA A 36 5.08 -14.02 -12.49
C ALA A 36 4.38 -13.20 -13.58
N ARG A 37 4.34 -13.76 -14.78
CA ARG A 37 3.73 -13.13 -15.93
C ARG A 37 2.25 -13.47 -16.04
N SER A 38 1.83 -14.52 -15.36
CA SER A 38 0.46 -14.97 -15.51
C SER A 38 -0.13 -15.37 -14.15
N TRP A 39 -1.00 -16.37 -14.16
CA TRP A 39 -1.84 -16.63 -12.99
C TRP A 39 -1.21 -17.57 -11.95
N SER A 40 -0.06 -18.13 -12.30
CA SER A 40 0.71 -19.02 -11.42
C SER A 40 2.01 -18.35 -10.95
N ALA A 41 2.32 -18.51 -9.67
CA ALA A 41 3.56 -17.96 -9.13
C ALA A 41 4.26 -19.01 -8.31
N LYS A 42 5.59 -19.02 -8.37
CA LYS A 42 6.38 -19.90 -7.51
C LYS A 42 6.49 -19.36 -6.09
N LEU A 43 6.64 -20.26 -5.13
CA LEU A 43 7.05 -19.85 -3.78
C LEU A 43 8.54 -19.58 -3.79
N PRO A 44 9.03 -18.72 -2.88
CA PRO A 44 10.49 -18.66 -2.66
C PRO A 44 10.92 -20.03 -2.14
N SER A 45 12.12 -20.47 -2.48
CA SER A 45 12.67 -21.66 -1.83
C SER A 45 12.87 -21.43 -0.33
N ASP A 46 13.05 -22.52 0.41
CA ASP A 46 13.40 -22.42 1.83
C ASP A 46 14.69 -21.64 1.97
N GLU A 47 15.63 -21.91 1.07
CA GLU A 47 16.91 -21.23 1.04
C GLU A 47 16.74 -19.73 0.93
N ALA A 48 15.92 -19.29 -0.02
CA ALA A 48 15.72 -17.86 -0.27
C ALA A 48 14.96 -17.18 0.87
N ALA A 49 13.92 -17.83 1.39
CA ALA A 49 13.17 -17.28 2.53
C ALA A 49 14.06 -17.14 3.74
N THR A 50 14.94 -18.11 3.97
CA THR A 50 15.86 -18.10 5.10
C THR A 50 16.85 -16.95 5.00
N LYS A 51 17.44 -16.77 3.82
CA LYS A 51 18.33 -15.62 3.56
C LYS A 51 17.65 -14.26 3.80
N PHE A 52 16.41 -14.14 3.31
CA PHE A 52 15.62 -12.93 3.52
C PHE A 52 15.46 -12.66 5.02
N LYS A 53 15.00 -13.66 5.77
CA LYS A 53 14.85 -13.55 7.22
C LYS A 53 16.13 -13.20 7.96
N ARG A 54 17.27 -13.72 7.50
CA ARG A 54 18.54 -13.47 8.14
C ARG A 54 18.97 -12.03 7.93
N GLU A 55 18.77 -11.54 6.71
CA GLU A 55 19.07 -10.15 6.36
C GLU A 55 18.15 -9.17 7.08
N MET A 56 16.89 -9.56 7.29
CA MET A 56 15.99 -8.75 8.08
C MET A 56 16.51 -8.58 9.51
N LYS A 57 16.87 -9.69 10.15
CA LYS A 57 17.49 -9.64 11.46
C LYS A 57 18.79 -8.82 11.39
N LYS A 58 19.66 -9.14 10.46
CA LYS A 58 20.94 -8.44 10.37
C LYS A 58 20.76 -6.92 10.38
N HIS A 59 19.78 -6.43 9.63
CA HIS A 59 19.59 -4.99 9.46
C HIS A 59 18.55 -4.40 10.41
N GLY A 60 18.04 -5.24 11.31
CA GLY A 60 17.07 -4.81 12.31
C GLY A 60 15.82 -4.16 11.74
N ILE A 61 15.43 -4.57 10.54
CA ILE A 61 14.16 -4.10 9.99
C ILE A 61 13.02 -4.61 10.86
N ASP A 62 12.13 -3.70 11.24
CA ASP A 62 10.96 -4.01 12.03
C ASP A 62 9.95 -4.73 11.14
N TRP A 63 9.41 -5.87 11.60
CA TRP A 63 8.49 -6.65 10.76
C TRP A 63 7.14 -5.96 10.52
N GLU A 64 6.82 -4.97 11.35
CA GLU A 64 5.64 -4.13 11.13
C GLU A 64 5.88 -3.13 10.01
N ASN A 65 7.12 -2.98 9.55
CA ASN A 65 7.46 -2.03 8.50
C ASN A 65 7.72 -2.70 7.15
N ALA A 66 7.42 -3.99 7.02
CA ALA A 66 7.69 -4.74 5.78
C ALA A 66 6.37 -5.17 5.14
N PHE A 67 6.15 -4.78 3.88
CA PHE A 67 4.88 -5.02 3.24
C PHE A 67 5.05 -5.74 1.91
N CYS A 68 4.08 -6.58 1.55
CA CYS A 68 4.01 -7.04 0.16
C CYS A 68 2.92 -6.30 -0.58
N HIS A 69 3.04 -6.23 -1.89
CA HIS A 69 2.02 -5.61 -2.71
C HIS A 69 1.64 -6.60 -3.80
N SER A 70 0.35 -6.81 -4.02
CA SER A 70 -0.10 -7.69 -5.09
C SER A 70 0.20 -7.15 -6.48
N GLY A 71 0.36 -8.05 -7.45
CA GLY A 71 0.48 -7.64 -8.83
C GLY A 71 -0.83 -7.12 -9.39
N TYR A 72 -0.76 -6.61 -10.61
CA TYR A 72 -1.89 -5.93 -11.23
C TYR A 72 -2.92 -6.86 -11.88
N LEU A 73 -2.62 -8.16 -11.94
CA LEU A 73 -3.54 -9.12 -12.55
C LEU A 73 -4.76 -9.37 -11.69
N ILE A 74 -4.56 -9.42 -10.39
CA ILE A 74 -5.62 -9.77 -9.46
C ILE A 74 -6.77 -8.74 -9.49
N ASN A 75 -7.97 -9.21 -9.79
CA ASN A 75 -9.15 -8.34 -9.75
C ASN A 75 -10.34 -9.06 -9.12
N LEU A 76 -10.49 -8.92 -7.80
CA LEU A 76 -11.58 -9.55 -7.08
C LEU A 76 -12.94 -8.96 -7.42
N ALA A 77 -12.96 -7.87 -8.17
CA ALA A 77 -14.21 -7.27 -8.60
C ALA A 77 -14.63 -7.65 -10.02
N SER A 78 -13.84 -8.49 -10.67
CA SER A 78 -14.09 -8.84 -12.07
C SER A 78 -15.46 -9.48 -12.32
N PRO A 79 -16.15 -9.00 -13.36
CA PRO A 79 -17.41 -9.64 -13.75
C PRO A 79 -17.19 -10.94 -14.56
N LYS A 80 -15.97 -11.22 -15.00
CA LYS A 80 -15.69 -12.52 -15.59
C LYS A 80 -15.36 -13.53 -14.49
N ASP A 81 -16.16 -14.59 -14.39
CA ASP A 81 -15.97 -15.58 -13.34
C ASP A 81 -14.60 -16.25 -13.36
N ASP A 82 -14.05 -16.49 -14.55
CA ASP A 82 -12.75 -17.17 -14.61
C ASP A 82 -11.61 -16.27 -14.14
N ILE A 83 -11.70 -14.97 -14.40
CA ILE A 83 -10.74 -14.00 -13.88
C ILE A 83 -10.91 -13.86 -12.36
N TRP A 84 -12.16 -13.89 -11.89
CA TRP A 84 -12.42 -13.86 -10.46
C TRP A 84 -11.79 -15.07 -9.79
N GLN A 85 -12.00 -16.26 -10.35
CA GLN A 85 -11.39 -17.50 -9.78
C GLN A 85 -9.86 -17.53 -9.82
N LYS A 86 -9.29 -17.18 -10.96
CA LYS A 86 -7.84 -17.11 -11.03
C LYS A 86 -7.28 -16.04 -10.06
N SER A 87 -8.00 -14.92 -9.90
CA SER A 87 -7.59 -13.89 -8.95
C SER A 87 -7.57 -14.41 -7.52
N VAL A 88 -8.60 -15.14 -7.15
CA VAL A 88 -8.68 -15.74 -5.83
C VAL A 88 -7.52 -16.70 -5.60
N GLU A 89 -7.30 -17.61 -6.56
CA GLU A 89 -6.24 -18.60 -6.44
C GLU A 89 -4.87 -17.94 -6.36
N LEU A 90 -4.64 -16.93 -7.18
CA LEU A 90 -3.38 -16.20 -7.12
C LEU A 90 -3.23 -15.40 -5.80
N LEU A 91 -4.31 -14.81 -5.30
CA LEU A 91 -4.21 -14.08 -4.03
C LEU A 91 -3.81 -15.03 -2.89
N LYS A 92 -4.40 -16.23 -2.87
CA LYS A 92 -4.07 -17.24 -1.85
C LYS A 92 -2.61 -17.60 -1.89
N LYS A 93 -2.07 -17.76 -3.09
CA LYS A 93 -0.66 -18.07 -3.29
C LYS A 93 0.24 -16.91 -2.84
N GLU A 94 -0.19 -15.68 -3.07
CA GLU A 94 0.57 -14.52 -2.60
C GLU A 94 0.59 -14.41 -1.05
N VAL A 95 -0.51 -14.82 -0.43
CA VAL A 95 -0.56 -14.97 1.03
C VAL A 95 0.40 -16.08 1.49
N GLU A 96 0.52 -17.15 0.72
CA GLU A 96 1.47 -18.20 1.09
C GLU A 96 2.93 -17.79 0.86
N ILE A 97 3.17 -16.92 -0.10
CA ILE A 97 4.51 -16.35 -0.28
C ILE A 97 4.82 -15.46 0.93
N CYS A 98 3.85 -14.64 1.33
CA CYS A 98 4.05 -13.81 2.52
C CYS A 98 4.34 -14.63 3.76
N ARG A 99 3.56 -15.69 3.99
CA ARG A 99 3.76 -16.58 5.12
C ARG A 99 5.17 -17.16 5.14
N LYS A 100 5.63 -17.61 3.98
CA LYS A 100 6.97 -18.15 3.79
C LYS A 100 8.07 -17.13 4.13
N LEU A 101 7.87 -15.90 3.71
CA LEU A 101 8.86 -14.86 3.95
C LEU A 101 8.75 -14.29 5.36
N GLY A 102 7.65 -14.57 6.06
CA GLY A 102 7.39 -13.93 7.34
C GLY A 102 6.66 -12.59 7.26
N ILE A 103 6.38 -12.13 6.04
CA ILE A 103 5.70 -10.84 5.82
C ILE A 103 4.27 -10.87 6.36
N ARG A 104 3.92 -9.85 7.15
CA ARG A 104 2.62 -9.80 7.81
C ARG A 104 1.52 -9.11 7.02
N TYR A 105 1.89 -8.32 6.02
CA TYR A 105 0.93 -7.48 5.29
C TYR A 105 0.97 -7.66 3.78
N LEU A 106 -0.20 -7.88 3.19
CA LEU A 106 -0.35 -7.97 1.75
C LEU A 106 -1.31 -6.89 1.28
N ASN A 107 -0.77 -5.91 0.58
CA ASN A 107 -1.53 -4.77 0.09
C ASN A 107 -2.16 -5.06 -1.28
N ILE A 108 -3.44 -4.72 -1.44
CA ILE A 108 -4.12 -4.88 -2.72
C ILE A 108 -5.01 -3.68 -3.03
N HIS A 109 -5.21 -3.46 -4.33
CA HIS A 109 -6.28 -2.60 -4.81
C HIS A 109 -7.53 -3.46 -4.81
N PRO A 110 -8.64 -2.94 -4.28
CA PRO A 110 -9.88 -3.74 -4.22
C PRO A 110 -10.31 -4.35 -5.57
N GLY A 111 -10.35 -3.54 -6.63
CA GLY A 111 -10.61 -4.08 -7.95
C GLY A 111 -11.42 -3.16 -8.83
N SER A 112 -11.76 -3.64 -10.02
CA SER A 112 -12.57 -2.86 -10.94
C SER A 112 -13.75 -3.69 -11.41
N HIS A 113 -14.94 -3.10 -11.37
CA HIS A 113 -16.11 -3.80 -11.87
C HIS A 113 -16.25 -3.68 -13.39
N LEU A 114 -15.35 -2.90 -14.00
CA LEU A 114 -15.27 -2.74 -15.46
C LEU A 114 -16.60 -2.24 -16.06
N GLY A 115 -17.35 -1.46 -15.28
CA GLY A 115 -18.63 -0.93 -15.71
C GLY A 115 -19.82 -1.89 -15.61
N THR A 116 -19.77 -2.82 -14.67
CA THR A 116 -20.93 -3.68 -14.40
C THR A 116 -21.61 -3.27 -13.10
N GLY A 117 -21.06 -2.27 -12.40
CA GLY A 117 -21.69 -1.83 -11.17
C GLY A 117 -20.89 -1.96 -9.89
N GLU A 118 -20.79 -0.86 -9.18
CA GLU A 118 -20.00 -0.76 -7.96
C GLU A 118 -20.50 -1.68 -6.84
N GLU A 119 -21.82 -1.78 -6.67
CA GLU A 119 -22.38 -2.58 -5.57
C GLU A 119 -22.17 -4.08 -5.76
N GLU A 120 -22.35 -4.55 -6.98
CA GLU A 120 -22.16 -5.96 -7.26
C GLU A 120 -20.68 -6.30 -7.25
N GLY A 121 -19.85 -5.33 -7.63
CA GLY A 121 -18.42 -5.48 -7.65
C GLY A 121 -17.88 -5.56 -6.24
N ILE A 122 -18.46 -4.78 -5.34
CA ILE A 122 -18.08 -4.84 -3.92
C ILE A 122 -18.37 -6.20 -3.30
N ASP A 123 -19.54 -6.76 -3.61
CA ASP A 123 -19.91 -8.09 -3.17
C ASP A 123 -18.93 -9.16 -3.67
N ARG A 124 -18.54 -9.06 -4.94
CA ARG A 124 -17.57 -9.97 -5.52
C ARG A 124 -16.22 -9.88 -4.79
N ILE A 125 -15.81 -8.65 -4.47
CA ILE A 125 -14.58 -8.44 -3.71
C ILE A 125 -14.70 -9.11 -2.36
N VAL A 126 -15.84 -8.88 -1.69
CA VAL A 126 -16.06 -9.43 -0.35
C VAL A 126 -15.98 -10.95 -0.38
N ARG A 127 -16.69 -11.55 -1.34
CA ARG A 127 -16.67 -13.01 -1.48
C ARG A 127 -15.28 -13.55 -1.75
N GLY A 128 -14.52 -12.83 -2.57
CA GLY A 128 -13.17 -13.22 -2.89
C GLY A 128 -12.25 -13.17 -1.69
N LEU A 129 -12.37 -12.12 -0.89
CA LEU A 129 -11.58 -12.00 0.33
C LEU A 129 -11.97 -13.07 1.33
N ASN A 130 -13.26 -13.40 1.40
CA ASN A 130 -13.69 -14.54 2.22
C ASN A 130 -13.04 -15.86 1.82
N GLU A 131 -13.04 -16.16 0.53
CA GLU A 131 -12.41 -17.38 0.03
C GLU A 131 -10.91 -17.40 0.39
N VAL A 132 -10.26 -16.26 0.27
CA VAL A 132 -8.84 -16.16 0.57
C VAL A 132 -8.53 -16.28 2.06
N LEU A 133 -9.14 -15.39 2.86
CA LEU A 133 -8.90 -15.35 4.30
C LEU A 133 -9.32 -16.65 4.96
N ASN A 134 -10.48 -17.19 4.56
CA ASN A 134 -10.96 -18.41 5.19
C ASN A 134 -10.13 -19.65 4.86
N ASN A 135 -9.23 -19.52 3.90
CA ASN A 135 -8.37 -20.65 3.57
C ASN A 135 -6.90 -20.42 3.83
N THR A 136 -6.58 -19.40 4.62
CA THR A 136 -5.22 -19.04 4.98
C THR A 136 -5.19 -18.59 6.45
N GLU A 137 -3.98 -18.40 7.01
CA GLU A 137 -3.85 -17.84 8.36
C GLU A 137 -2.77 -16.76 8.40
N GLY A 138 -2.83 -15.89 9.41
CA GLY A 138 -1.75 -14.97 9.70
C GLY A 138 -1.83 -13.64 8.97
N VAL A 139 -1.46 -13.68 7.69
CA VAL A 139 -1.33 -12.49 6.85
C VAL A 139 -2.57 -11.62 6.88
N VAL A 140 -2.34 -10.31 7.01
CA VAL A 140 -3.42 -9.33 7.01
C VAL A 140 -3.41 -8.71 5.62
N ILE A 141 -4.58 -8.62 5.02
CA ILE A 141 -4.76 -8.00 3.74
C ILE A 141 -5.02 -6.49 3.89
N LEU A 142 -4.24 -5.67 3.20
CA LEU A 142 -4.45 -4.23 3.25
C LEU A 142 -5.23 -3.76 2.03
N LEU A 143 -6.30 -3.01 2.27
CA LEU A 143 -7.06 -2.43 1.19
C LEU A 143 -6.53 -1.03 0.97
N GLU A 144 -6.21 -0.71 -0.27
CA GLU A 144 -5.64 0.57 -0.61
C GLU A 144 -6.64 1.45 -1.35
N ASN A 145 -6.76 2.71 -0.98
CA ASN A 145 -7.58 3.61 -1.77
C ASN A 145 -6.97 3.79 -3.18
N VAL A 146 -7.84 3.95 -4.17
CA VAL A 146 -7.39 4.11 -5.55
C VAL A 146 -7.97 5.37 -6.19
N SER A 147 -7.57 5.64 -7.44
CA SER A 147 -8.15 6.76 -8.16
C SER A 147 -9.48 6.35 -8.81
N GLN A 148 -10.32 7.34 -9.11
CA GLN A 148 -11.60 7.07 -9.72
C GLN A 148 -11.49 6.97 -11.25
N LYS A 149 -11.00 5.82 -11.71
CA LYS A 149 -10.72 5.61 -13.13
C LYS A 149 -11.48 4.39 -13.55
N GLY A 150 -12.19 4.49 -14.66
CA GLY A 150 -13.01 3.41 -15.13
C GLY A 150 -13.90 2.90 -14.02
N GLY A 151 -13.88 1.60 -13.78
CA GLY A 151 -14.72 1.01 -12.75
C GLY A 151 -13.99 0.66 -11.45
N ASN A 152 -12.89 1.34 -11.17
CA ASN A 152 -12.17 1.18 -9.91
C ASN A 152 -13.07 1.33 -8.69
N ILE A 153 -12.91 0.42 -7.74
CA ILE A 153 -13.57 0.49 -6.44
C ILE A 153 -12.54 0.82 -5.35
N GLY A 154 -12.89 1.78 -4.49
CA GLY A 154 -12.01 2.18 -3.42
C GLY A 154 -11.49 3.61 -3.55
N TYR A 155 -12.10 4.44 -4.39
CA TYR A 155 -11.64 5.84 -4.54
C TYR A 155 -12.17 6.72 -3.42
N LYS A 156 -13.20 6.23 -2.71
CA LYS A 156 -13.66 6.85 -1.47
C LYS A 156 -13.42 5.88 -0.31
N LEU A 157 -13.00 6.41 0.84
CA LEU A 157 -12.74 5.55 2.00
C LEU A 157 -13.98 4.75 2.41
N GLU A 158 -15.15 5.35 2.19
CA GLU A 158 -16.46 4.73 2.42
C GLU A 158 -16.57 3.34 1.78
N GLN A 159 -16.02 3.20 0.58
CA GLN A 159 -16.06 1.94 -0.13
C GLN A 159 -15.20 0.86 0.51
N LEU A 160 -14.07 1.28 1.07
CA LEU A 160 -13.19 0.35 1.75
C LEU A 160 -13.89 -0.14 3.01
N LYS A 161 -14.63 0.74 3.67
CA LYS A 161 -15.42 0.31 4.83
C LYS A 161 -16.56 -0.66 4.45
N LYS A 162 -17.25 -0.39 3.35
CA LYS A 162 -18.29 -1.32 2.89
C LYS A 162 -17.75 -2.73 2.66
N ILE A 163 -16.56 -2.84 2.09
CA ILE A 163 -15.96 -4.15 1.89
C ILE A 163 -15.62 -4.79 3.24
N ARG A 164 -14.95 -4.02 4.09
CA ARG A 164 -14.44 -4.51 5.36
C ARG A 164 -15.53 -5.02 6.28
N ASP A 165 -16.65 -4.32 6.35
CA ASP A 165 -17.72 -4.68 7.26
C ASP A 165 -18.51 -5.93 6.83
N LEU A 166 -18.34 -6.38 5.60
CA LEU A 166 -19.00 -7.59 5.10
C LEU A 166 -18.11 -8.84 5.15
N VAL A 167 -16.82 -8.64 5.34
CA VAL A 167 -15.85 -9.73 5.35
C VAL A 167 -15.95 -10.53 6.64
N ASP A 168 -15.71 -11.84 6.54
CA ASP A 168 -15.75 -12.73 7.70
C ASP A 168 -14.66 -12.42 8.73
N GLN A 169 -13.42 -12.37 8.27
CA GLN A 169 -12.30 -12.17 9.18
C GLN A 169 -11.81 -10.72 9.08
N ARG A 170 -12.61 -9.80 9.62
CA ARG A 170 -12.34 -8.37 9.56
C ARG A 170 -11.01 -7.98 10.21
N ASP A 171 -10.53 -8.78 11.16
CA ASP A 171 -9.27 -8.46 11.82
C ASP A 171 -8.08 -8.67 10.89
N ARG A 172 -8.30 -9.45 9.83
CA ARG A 172 -7.27 -9.68 8.85
C ARG A 172 -7.48 -8.82 7.61
N VAL A 173 -8.29 -7.76 7.75
CA VAL A 173 -8.40 -6.75 6.70
C VAL A 173 -8.05 -5.37 7.28
N ALA A 174 -7.04 -4.71 6.75
CA ALA A 174 -6.74 -3.36 7.21
C ALA A 174 -6.60 -2.41 6.03
N ILE A 175 -6.00 -1.25 6.26
CA ILE A 175 -6.02 -0.18 5.26
C ILE A 175 -4.64 0.43 4.96
N THR A 176 -4.43 0.76 3.69
CA THR A 176 -3.29 1.55 3.25
C THR A 176 -3.83 2.85 2.66
N TYR A 177 -3.23 3.98 3.00
CA TYR A 177 -3.62 5.26 2.38
C TYR A 177 -2.55 5.74 1.41
N ASP A 178 -2.95 5.97 0.17
CA ASP A 178 -2.02 6.42 -0.85
C ASP A 178 -2.33 7.89 -1.07
N THR A 179 -1.34 8.74 -0.84
CA THR A 179 -1.54 10.19 -0.88
C THR A 179 -1.92 10.68 -2.27
N CYS A 180 -1.34 10.09 -3.31
CA CYS A 180 -1.65 10.44 -4.70
C CYS A 180 -3.08 10.03 -5.11
N HIS A 181 -3.47 8.79 -4.83
CA HIS A 181 -4.85 8.36 -5.12
C HIS A 181 -5.88 9.18 -4.33
N GLY A 182 -5.59 9.47 -3.06
CA GLY A 182 -6.49 10.29 -2.28
C GLY A 182 -6.62 11.70 -2.84
N PHE A 183 -5.49 12.30 -3.19
CA PHE A 183 -5.46 13.66 -3.75
C PHE A 183 -6.28 13.68 -5.04
N ASP A 184 -6.10 12.65 -5.87
CA ASP A 184 -6.89 12.44 -7.09
C ASP A 184 -8.38 12.43 -6.82
N SER A 185 -8.76 11.97 -5.63
CA SER A 185 -10.15 11.81 -5.26
C SER A 185 -10.68 12.91 -4.33
N GLY A 186 -9.90 13.96 -4.11
CA GLY A 186 -10.39 15.10 -3.35
C GLY A 186 -9.96 15.18 -1.90
N TYR A 187 -9.17 14.20 -1.46
CA TYR A 187 -8.65 14.23 -0.09
C TYR A 187 -7.46 15.15 -0.05
N ASP A 188 -7.67 16.35 0.50
CA ASP A 188 -6.70 17.45 0.39
C ASP A 188 -5.83 17.54 1.63
N ILE A 189 -4.71 16.83 1.58
CA ILE A 189 -3.76 16.78 2.68
C ILE A 189 -2.81 18.00 2.65
N THR A 190 -3.00 18.91 1.70
CA THR A 190 -2.20 20.13 1.69
C THR A 190 -2.70 21.19 2.69
N LYS A 191 -3.87 20.95 3.28
CA LYS A 191 -4.47 21.85 4.26
C LYS A 191 -4.70 21.07 5.55
N LYS A 192 -4.41 21.66 6.69
CA LYS A 192 -4.56 20.95 7.96
C LYS A 192 -6.00 20.54 8.24
N GLU A 193 -6.96 21.24 7.64
CA GLU A 193 -8.37 20.90 7.78
C GLU A 193 -8.69 19.66 6.95
N GLY A 194 -7.98 19.50 5.83
CA GLY A 194 -8.12 18.31 5.01
C GLY A 194 -7.56 17.09 5.69
N VAL A 195 -6.38 17.22 6.28
CA VAL A 195 -5.76 16.11 6.99
C VAL A 195 -6.61 15.69 8.19
N GLU A 196 -7.12 16.69 8.92
CA GLU A 196 -8.04 16.45 10.04
C GLU A 196 -9.30 15.71 9.61
N ALA A 197 -9.91 16.12 8.50
CA ALA A 197 -11.08 15.41 7.98
C ALA A 197 -10.72 13.97 7.57
N LEU A 198 -9.53 13.79 7.01
CA LEU A 198 -9.08 12.47 6.57
C LEU A 198 -8.95 11.56 7.77
N LEU A 199 -8.24 12.03 8.79
CA LEU A 199 -8.10 11.30 10.04
C LEU A 199 -9.42 11.00 10.73
N ASN A 200 -10.33 11.98 10.78
CA ASN A 200 -11.64 11.74 11.38
C ASN A 200 -12.42 10.67 10.64
N GLU A 201 -12.34 10.70 9.33
CA GLU A 201 -12.99 9.69 8.50
C GLU A 201 -12.38 8.30 8.74
N ILE A 202 -11.05 8.21 8.77
CA ILE A 202 -10.38 6.95 9.04
C ILE A 202 -10.74 6.38 10.42
N GLU A 203 -10.63 7.21 11.45
CA GLU A 203 -10.96 6.82 12.83
C GLU A 203 -12.38 6.30 12.93
N SER A 204 -13.29 6.95 12.22
CA SER A 204 -14.72 6.65 12.30
C SER A 204 -15.13 5.44 11.43
N LEU A 205 -14.52 5.32 10.25
CA LEU A 205 -14.75 4.19 9.36
C LEU A 205 -14.03 2.90 9.80
N PHE A 206 -12.79 3.01 10.27
CA PHE A 206 -11.96 1.83 10.54
C PHE A 206 -11.35 1.78 11.92
N GLY A 207 -11.09 2.96 12.50
CA GLY A 207 -10.23 3.04 13.66
C GLY A 207 -8.82 3.24 13.16
N LEU A 208 -8.04 4.08 13.85
CA LEU A 208 -6.69 4.45 13.40
C LEU A 208 -5.68 3.31 13.39
N GLU A 209 -5.90 2.27 14.18
CA GLU A 209 -4.92 1.20 14.16
C GLU A 209 -5.07 0.32 12.90
N ARG A 210 -6.14 0.54 12.14
CA ARG A 210 -6.32 -0.13 10.85
C ARG A 210 -5.47 0.47 9.76
N LEU A 211 -4.92 1.66 10.01
CA LEU A 211 -4.10 2.31 9.01
C LEU A 211 -2.68 1.77 9.16
N LYS A 212 -2.28 0.87 8.27
CA LYS A 212 -1.05 0.12 8.45
C LYS A 212 0.12 0.68 7.68
N MET A 213 -0.20 1.53 6.71
CA MET A 213 0.80 1.98 5.75
C MET A 213 0.29 3.16 4.97
N ILE A 214 1.16 4.13 4.73
CA ILE A 214 0.84 5.20 3.80
C ILE A 214 1.72 5.02 2.58
N HIS A 215 1.13 5.14 1.39
CA HIS A 215 1.95 5.29 0.20
C HIS A 215 2.18 6.77 -0.03
N LEU A 216 3.44 7.17 0.06
CA LEU A 216 3.82 8.56 -0.01
C LEU A 216 4.13 8.87 -1.44
N ASN A 217 3.16 9.45 -2.14
CA ASN A 217 3.33 9.81 -3.55
C ASN A 217 2.89 11.27 -3.78
N ASP A 218 3.71 12.03 -4.47
CA ASP A 218 3.23 13.31 -4.99
C ASP A 218 2.38 13.02 -6.26
N SER A 219 1.72 14.03 -6.79
CA SER A 219 0.81 13.82 -7.92
C SER A 219 1.19 14.64 -9.15
N LYS A 220 1.07 14.05 -10.34
CA LYS A 220 1.29 14.79 -11.57
C LYS A 220 0.17 15.79 -11.82
N TYR A 221 -1.00 15.54 -11.23
CA TYR A 221 -2.19 16.34 -11.50
C TYR A 221 -2.76 17.00 -10.26
N PRO A 222 -3.61 18.01 -10.48
CA PRO A 222 -4.26 18.77 -9.39
C PRO A 222 -5.22 17.91 -8.58
N LEU A 223 -5.56 18.41 -7.40
CA LEU A 223 -6.55 17.85 -6.51
C LEU A 223 -7.82 17.51 -7.27
N GLY A 224 -8.30 16.28 -7.12
CA GLY A 224 -9.53 15.85 -7.78
C GLY A 224 -9.43 15.41 -9.23
N ALA A 225 -8.20 15.36 -9.80
CA ALA A 225 -8.04 15.09 -11.24
C ALA A 225 -8.36 13.66 -11.69
N ALA A 226 -8.39 12.72 -10.75
CA ALA A 226 -8.63 11.31 -11.07
C ALA A 226 -7.74 10.74 -12.18
N LYS A 227 -6.43 10.98 -12.07
CA LYS A 227 -5.48 10.64 -13.14
C LYS A 227 -4.56 9.45 -12.86
N ASP A 228 -4.29 9.20 -11.58
CA ASP A 228 -3.41 8.11 -11.17
C ASP A 228 -2.01 8.17 -11.82
N ARG A 229 -1.35 9.31 -11.67
CA ARG A 229 0.03 9.44 -12.11
C ARG A 229 0.88 9.97 -10.95
N HIS A 230 1.74 9.12 -10.39
CA HIS A 230 2.58 9.50 -9.26
C HIS A 230 3.70 10.44 -9.67
N GLU A 231 4.20 11.19 -8.71
CA GLU A 231 5.28 12.13 -8.98
C GLU A 231 6.27 12.08 -7.80
N ARG A 232 7.53 12.45 -8.06
CA ARG A 232 8.56 12.55 -7.03
C ARG A 232 8.15 13.53 -5.93
N ILE A 233 8.56 13.27 -4.69
CA ILE A 233 8.17 14.10 -3.55
C ILE A 233 8.65 15.53 -3.72
N GLY A 234 7.71 16.48 -3.63
CA GLY A 234 8.03 17.88 -3.79
C GLY A 234 7.91 18.41 -5.22
N SER A 235 7.80 17.50 -6.18
CA SER A 235 7.76 17.88 -7.59
C SER A 235 6.36 17.98 -8.19
N GLY A 236 5.33 17.69 -7.39
CA GLY A 236 3.97 17.66 -7.90
C GLY A 236 3.05 18.65 -7.23
N PHE A 237 1.75 18.44 -7.42
CA PHE A 237 0.75 19.38 -6.95
C PHE A 237 0.43 19.29 -5.46
N ILE A 238 0.92 18.26 -4.79
CA ILE A 238 0.89 18.25 -3.33
C ILE A 238 2.03 19.16 -2.81
N GLY A 239 3.24 18.91 -3.32
CA GLY A 239 4.35 19.83 -3.12
C GLY A 239 5.01 19.71 -1.76
N GLU A 240 6.03 20.52 -1.53
CA GLU A 240 6.77 20.52 -0.27
C GLU A 240 5.94 21.04 0.90
N GLU A 241 5.25 22.17 0.70
CA GLU A 241 4.32 22.72 1.70
C GLU A 241 3.19 21.76 2.03
N GLY A 242 2.59 21.17 0.99
CA GLY A 242 1.53 20.19 1.20
C GLY A 242 1.97 19.04 2.08
N PHE A 243 3.12 18.44 1.76
CA PHE A 243 3.64 17.35 2.58
C PHE A 243 4.03 17.77 3.99
N ALA A 244 4.54 18.99 4.15
CA ALA A 244 4.90 19.50 5.49
C ALA A 244 3.68 19.53 6.39
N VAL A 245 2.53 19.91 5.83
CA VAL A 245 1.30 19.91 6.60
C VAL A 245 0.98 18.47 7.01
N PHE A 246 1.03 17.57 6.04
CA PHE A 246 0.70 16.15 6.26
C PHE A 246 1.59 15.51 7.32
N PHE A 247 2.90 15.78 7.23
CA PHE A 247 3.91 15.20 8.13
C PHE A 247 3.78 15.71 9.55
N SER A 248 3.14 16.86 9.72
CA SER A 248 3.05 17.48 11.05
C SER A 248 2.05 16.77 11.95
N PHE A 249 1.28 15.84 11.41
CA PHE A 249 0.33 15.10 12.22
C PHE A 249 0.96 13.86 12.85
N LYS A 250 0.94 13.81 14.18
CA LYS A 250 1.48 12.66 14.93
C LYS A 250 0.90 11.34 14.48
N GLU A 251 -0.41 11.33 14.25
CA GLU A 251 -1.10 10.16 13.72
C GLU A 251 -0.50 9.70 12.40
N ILE A 252 -0.09 10.65 11.58
CA ILE A 252 0.53 10.31 10.30
C ILE A 252 1.92 9.73 10.51
N GLN A 253 2.63 10.27 11.50
CA GLN A 253 4.00 9.85 11.81
C GLN A 253 4.11 8.41 12.34
N GLU A 254 3.07 7.96 13.04
CA GLU A 254 3.03 6.61 13.59
C GLU A 254 3.04 5.50 12.52
N VAL A 255 2.77 5.86 11.28
CA VAL A 255 2.54 4.92 10.19
C VAL A 255 3.71 4.94 9.21
N PRO A 256 4.16 3.77 8.75
CA PRO A 256 5.28 3.76 7.77
C PRO A 256 4.94 4.49 6.47
N TRP A 257 5.84 5.38 6.01
CA TRP A 257 5.68 6.06 4.73
C TRP A 257 6.44 5.33 3.64
N ILE A 258 5.71 4.79 2.67
CA ILE A 258 6.32 4.01 1.61
C ILE A 258 6.24 4.78 0.28
N LEU A 259 7.41 5.14 -0.26
CA LEU A 259 7.49 5.81 -1.57
C LEU A 259 7.19 4.88 -2.73
N GLU A 260 6.31 5.31 -3.61
CA GLU A 260 6.09 4.60 -4.87
C GLU A 260 6.25 5.57 -6.03
N THR A 261 7.14 6.54 -5.86
CA THR A 261 7.34 7.60 -6.82
C THR A 261 8.23 7.10 -7.96
N PRO A 262 8.25 7.82 -9.09
CA PRO A 262 8.98 7.32 -10.27
C PRO A 262 10.49 7.13 -10.00
N GLY A 263 11.10 6.15 -10.66
CA GLY A 263 12.53 5.91 -10.55
C GLY A 263 12.87 4.66 -9.75
N GLY A 264 14.16 4.38 -9.61
CA GLY A 264 14.62 3.22 -8.86
C GLY A 264 15.17 3.60 -7.51
N ASN A 265 16.08 2.77 -6.99
CA ASN A 265 16.68 2.97 -5.67
C ASN A 265 17.31 4.36 -5.56
N GLU A 266 17.97 4.77 -6.62
CA GLU A 266 18.70 6.03 -6.62
C GLU A 266 17.76 7.23 -6.43
N GLU A 267 16.64 7.23 -7.15
CA GLU A 267 15.64 8.31 -7.03
C GLU A 267 14.94 8.29 -5.69
N HIS A 268 14.82 7.09 -5.11
CA HIS A 268 14.14 6.94 -3.84
C HIS A 268 14.99 7.34 -2.68
N ALA A 269 16.31 7.18 -2.85
CA ALA A 269 17.23 7.68 -1.85
C ALA A 269 17.13 9.21 -1.81
N GLU A 270 16.98 9.84 -2.99
CA GLU A 270 16.82 11.30 -3.08
C GLU A 270 15.49 11.77 -2.51
N ASP A 271 14.41 11.02 -2.77
CA ASP A 271 13.10 11.35 -2.20
C ASP A 271 13.09 11.23 -0.68
N ILE A 272 13.77 10.22 -0.15
CA ILE A 272 13.90 10.10 1.30
C ILE A 272 14.64 11.28 1.89
N LYS A 273 15.73 11.71 1.26
CA LYS A 273 16.45 12.92 1.65
C LYS A 273 15.54 14.15 1.59
N LYS A 274 14.79 14.28 0.50
CA LYS A 274 13.79 15.35 0.38
C LYS A 274 12.82 15.39 1.55
N VAL A 275 12.32 14.23 1.96
CA VAL A 275 11.38 14.17 3.10
C VAL A 275 11.99 14.73 4.40
N PHE A 276 13.26 14.41 4.65
CA PHE A 276 13.91 14.88 5.87
C PHE A 276 14.29 16.34 5.74
N GLU A 277 14.54 16.76 4.51
CA GLU A 277 14.79 18.15 4.19
C GLU A 277 13.54 18.99 4.41
N ILE A 278 12.40 18.51 3.92
CA ILE A 278 11.09 19.14 4.14
C ILE A 278 10.78 19.25 5.64
N ILE A 279 11.01 18.16 6.35
CA ILE A 279 10.80 18.14 7.79
C ILE A 279 11.71 19.12 8.52
N GLU A 280 12.94 19.28 8.04
CA GLU A 280 13.88 20.21 8.65
C GLU A 280 13.49 21.66 8.34
N LYS A 281 13.32 21.97 7.05
CA LYS A 281 12.95 23.30 6.58
C LYS A 281 11.65 23.87 7.19
N PHE A 282 10.63 23.04 7.35
CA PHE A 282 9.37 23.56 7.86
C PHE A 282 9.29 23.41 9.37
N GLY A 283 10.35 22.91 9.97
CA GLY A 283 10.43 22.82 11.42
C GLY A 283 9.41 21.87 12.00
N ILE A 284 9.24 20.71 11.36
CA ILE A 284 8.30 19.74 11.85
C ILE A 284 8.88 18.97 13.05
N GLU A 285 8.08 18.84 14.10
CA GLU A 285 8.36 17.90 15.16
C GLU A 285 7.70 16.60 14.75
N VAL A 286 8.37 15.45 14.90
CA VAL A 286 9.69 15.35 15.49
C VAL A 286 10.75 15.94 14.56
ZN ZN B . -1.02 0.03 -4.82
ZN ZN C . -0.12 3.14 -3.90
ZN ZN D . -1.07 4.80 -8.35
#